data_1RQL
#
_entry.id   1RQL
#
_cell.length_a   209.970
_cell.length_b   45.270
_cell.length_c   64.630
_cell.angle_alpha   90.00
_cell.angle_beta   104.92
_cell.angle_gamma   90.00
#
_symmetry.space_group_name_H-M   'C 1 2 1'
#
loop_
_entity.id
_entity.type
_entity.pdbx_description
1 polymer 'Phosphonoacetaldehyde Hydrolase'
2 non-polymer 'MAGNESIUM ION'
3 non-polymer 'VINYLSULPHONIC ACID'
4 water water
#
_entity_poly.entity_id   1
_entity_poly.type   'polypeptide(L)'
_entity_poly.pdbx_seq_one_letter_code
;MDRMKIEAVIFDWAGTTVDYGCFAPLEVFMEIFHKRGVAITAEEARKPMGLLKIDHVRALTEMPRIASEWNRVFRQLPTE
ADIQEMYEEFEEILFAILPRYASPINAVKEVIASLRERGIKIGSTTGYTREMMDIVAKEAALQGYKPDFLVTPDDVPAGR
PYPWMCYKNAMELGVYPMNHMIKVGDTVSDMKEGRNAGMWTVGVILGSSELGLTEEEVENMDSVELREKIEVVRNRFVEN
GAHFTIETMQELESVMEHIEKQELIIS
;
_entity_poly.pdbx_strand_id   A,B
#
loop_
_chem_comp.id
_chem_comp.type
_chem_comp.name
_chem_comp.formula
MG non-polymer 'MAGNESIUM ION' 'Mg 2'
VSO non-polymer 'VINYLSULPHONIC ACID' 'C2 H4 O3 S'
#
# COMPACT_ATOMS: atom_id res chain seq x y z
N LYS A 5 6.99 16.45 8.16
CA LYS A 5 6.71 15.81 6.83
C LYS A 5 6.92 14.30 6.89
N ILE A 6 8.11 13.85 7.28
CA ILE A 6 8.42 12.41 7.38
C ILE A 6 7.85 11.82 8.68
N GLU A 7 6.85 10.95 8.56
CA GLU A 7 6.23 10.37 9.75
C GLU A 7 6.60 8.92 10.06
N ALA A 8 7.32 8.28 9.16
CA ALA A 8 7.73 6.91 9.36
C ALA A 8 8.93 6.55 8.51
N VAL A 9 9.73 5.63 9.03
CA VAL A 9 10.91 5.12 8.37
C VAL A 9 10.73 3.59 8.34
N ILE A 10 10.91 2.99 7.16
CA ILE A 10 10.77 1.54 7.02
C ILE A 10 12.15 0.94 6.89
N PHE A 11 12.50 0.04 7.81
CA PHE A 11 13.82 -0.58 7.77
C PHE A 11 13.85 -2.00 7.26
N ASP A 12 14.94 -2.33 6.59
CA ASP A 12 15.20 -3.68 6.10
C ASP A 12 15.83 -4.34 7.33
N TRP A 13 15.97 -5.66 7.31
CA TRP A 13 16.57 -6.36 8.45
C TRP A 13 18.04 -6.73 8.29
N ALA A 14 18.31 -7.71 7.43
CA ALA A 14 19.68 -8.16 7.22
C ALA A 14 20.58 -7.09 6.58
N GLY A 15 21.72 -6.85 7.21
CA GLY A 15 22.66 -5.86 6.72
C GLY A 15 22.18 -4.42 6.81
N THR A 16 21.24 -4.14 7.71
CA THR A 16 20.68 -2.80 7.89
C THR A 16 20.37 -2.65 9.37
N THR A 17 19.60 -3.61 9.87
CA THR A 17 19.18 -3.63 11.24
C THR A 17 19.97 -4.64 12.08
N VAL A 18 20.23 -5.80 11.51
CA VAL A 18 20.98 -6.87 12.18
C VAL A 18 21.93 -7.47 11.16
N ASP A 19 22.54 -8.60 11.52
CA ASP A 19 23.47 -9.30 10.65
C ASP A 19 24.38 -8.33 9.90
N TYR A 20 25.46 -7.92 10.56
CA TYR A 20 26.42 -6.99 9.96
C TYR A 20 27.09 -7.61 8.73
N GLY A 21 26.90 -7.00 7.58
CA GLY A 21 27.49 -7.55 6.37
C GLY A 21 26.63 -8.66 5.80
N CYS A 22 25.53 -8.95 6.48
CA CYS A 22 24.58 -9.98 6.07
C CYS A 22 25.27 -11.31 5.64
N PHE A 23 25.91 -11.98 6.59
CA PHE A 23 26.59 -13.22 6.23
C PHE A 23 25.78 -14.49 6.40
N ALA A 24 24.87 -14.51 7.35
CA ALA A 24 24.04 -15.70 7.59
C ALA A 24 23.76 -16.49 6.30
N PRO A 25 23.10 -15.86 5.31
CA PRO A 25 22.80 -16.59 4.06
C PRO A 25 24.07 -17.03 3.36
N LEU A 26 25.06 -16.14 3.34
CA LEU A 26 26.34 -16.46 2.70
C LEU A 26 26.94 -17.70 3.34
N GLU A 27 27.05 -17.66 4.66
CA GLU A 27 27.59 -18.76 5.45
C GLU A 27 26.92 -20.09 5.07
N VAL A 28 25.61 -20.07 4.90
CA VAL A 28 24.89 -21.28 4.57
C VAL A 28 25.14 -21.80 3.15
N PHE A 29 24.91 -20.96 2.15
CA PHE A 29 25.14 -21.37 0.76
C PHE A 29 26.51 -22.04 0.61
N MET A 30 27.51 -21.53 1.31
CA MET A 30 28.87 -22.09 1.24
C MET A 30 28.94 -23.49 1.82
N GLU A 31 28.17 -23.73 2.86
CA GLU A 31 28.15 -25.04 3.52
C GLU A 31 27.51 -26.12 2.68
N ILE A 32 26.32 -25.86 2.15
CA ILE A 32 25.62 -26.85 1.34
C ILE A 32 26.45 -27.31 0.15
N PHE A 33 27.32 -26.42 -0.35
CA PHE A 33 28.18 -26.77 -1.47
C PHE A 33 29.44 -27.46 -0.97
N HIS A 34 30.07 -26.88 0.05
CA HIS A 34 31.28 -27.44 0.63
C HIS A 34 31.11 -28.90 1.05
N LYS A 35 29.94 -29.21 1.58
CA LYS A 35 29.64 -30.57 2.03
C LYS A 35 29.43 -31.51 0.84
N ARG A 36 29.34 -30.95 -0.35
CA ARG A 36 29.14 -31.76 -1.54
C ARG A 36 30.44 -31.81 -2.36
N GLY A 37 31.53 -31.35 -1.76
CA GLY A 37 32.81 -31.36 -2.44
C GLY A 37 32.96 -30.31 -3.53
N VAL A 38 32.06 -29.33 -3.51
CA VAL A 38 32.09 -28.25 -4.50
C VAL A 38 32.05 -26.94 -3.73
N ALA A 39 33.16 -26.61 -3.07
CA ALA A 39 33.28 -25.38 -2.28
C ALA A 39 33.33 -24.12 -3.14
N ILE A 40 32.47 -23.16 -2.81
CA ILE A 40 32.40 -21.89 -3.53
C ILE A 40 33.00 -20.79 -2.66
N THR A 41 33.13 -19.59 -3.21
CA THR A 41 33.70 -18.48 -2.46
C THR A 41 32.67 -17.40 -2.17
N ALA A 42 32.92 -16.66 -1.09
CA ALA A 42 32.03 -15.59 -0.67
C ALA A 42 31.59 -14.68 -1.81
N GLU A 43 32.51 -14.39 -2.74
CA GLU A 43 32.19 -13.53 -3.87
C GLU A 43 31.08 -14.10 -4.76
N GLU A 44 31.26 -15.32 -5.24
CA GLU A 44 30.27 -15.94 -6.11
C GLU A 44 29.01 -16.36 -5.36
N ALA A 45 29.10 -16.56 -4.05
CA ALA A 45 27.95 -16.94 -3.25
C ALA A 45 27.08 -15.70 -3.05
N ARG A 46 27.74 -14.57 -2.85
CA ARG A 46 27.06 -13.30 -2.66
C ARG A 46 26.65 -12.72 -4.01
N LYS A 47 27.34 -13.19 -5.05
CA LYS A 47 27.08 -12.75 -6.42
C LYS A 47 25.58 -12.63 -6.71
N PRO A 48 24.79 -13.69 -6.43
CA PRO A 48 23.35 -13.59 -6.69
C PRO A 48 22.57 -12.81 -5.63
N MET A 49 23.03 -12.92 -4.40
CA MET A 49 22.41 -12.27 -3.24
C MET A 49 21.41 -11.17 -3.57
N GLY A 50 20.19 -11.55 -3.91
CA GLY A 50 19.19 -10.55 -4.24
C GLY A 50 17.89 -11.12 -4.78
N LEU A 51 17.90 -12.40 -5.15
CA LEU A 51 16.70 -13.05 -5.68
C LEU A 51 16.29 -14.21 -4.81
N LEU A 52 15.14 -14.80 -5.12
CA LEU A 52 14.62 -15.92 -4.35
C LEU A 52 15.72 -16.91 -3.98
N LYS A 53 15.79 -17.24 -2.70
CA LYS A 53 16.80 -18.18 -2.20
C LYS A 53 16.85 -19.42 -3.07
N ILE A 54 15.68 -19.89 -3.47
CA ILE A 54 15.57 -21.08 -4.31
C ILE A 54 16.27 -20.85 -5.63
N ASP A 55 15.99 -19.70 -6.24
CA ASP A 55 16.60 -19.36 -7.50
C ASP A 55 18.04 -18.88 -7.32
N HIS A 56 18.37 -18.49 -6.09
CA HIS A 56 19.72 -18.05 -5.79
C HIS A 56 20.62 -19.28 -5.87
N VAL A 57 20.14 -20.41 -5.37
CA VAL A 57 20.90 -21.63 -5.41
C VAL A 57 21.09 -22.05 -6.86
N ARG A 58 19.99 -22.12 -7.60
CA ARG A 58 20.03 -22.51 -9.01
C ARG A 58 20.99 -21.65 -9.79
N ALA A 59 21.13 -20.40 -9.38
CA ALA A 59 22.03 -19.47 -10.03
C ALA A 59 23.47 -19.96 -9.87
N LEU A 60 23.83 -20.30 -8.64
CA LEU A 60 25.17 -20.78 -8.36
C LEU A 60 25.43 -22.02 -9.19
N THR A 61 24.41 -22.88 -9.26
CA THR A 61 24.47 -24.12 -10.03
C THR A 61 24.84 -23.88 -11.49
N GLU A 62 24.37 -22.76 -12.05
CA GLU A 62 24.65 -22.43 -13.44
C GLU A 62 25.87 -21.54 -13.61
N MET A 63 26.64 -21.38 -12.55
CA MET A 63 27.84 -20.56 -12.57
C MET A 63 28.96 -21.45 -13.12
N PRO A 64 29.30 -21.31 -14.41
CA PRO A 64 30.33 -22.07 -15.14
C PRO A 64 31.49 -22.66 -14.32
N ARG A 65 32.02 -21.89 -13.38
CA ARG A 65 33.13 -22.37 -12.58
C ARG A 65 32.67 -23.43 -11.58
N ILE A 66 31.45 -23.27 -11.08
CA ILE A 66 30.86 -24.19 -10.12
C ILE A 66 30.24 -25.38 -10.85
N ALA A 67 29.56 -25.10 -11.95
CA ALA A 67 28.92 -26.13 -12.75
C ALA A 67 29.90 -27.23 -13.12
N SER A 68 31.06 -26.83 -13.63
CA SER A 68 32.08 -27.77 -14.03
C SER A 68 32.54 -28.63 -12.86
N GLU A 69 32.89 -27.99 -11.76
CA GLU A 69 33.35 -28.71 -10.59
C GLU A 69 32.32 -29.68 -10.04
N TRP A 70 31.05 -29.35 -10.26
CA TRP A 70 29.96 -30.20 -9.82
C TRP A 70 29.93 -31.45 -10.71
N ASN A 71 30.08 -31.22 -12.01
CA ASN A 71 30.08 -32.30 -12.97
C ASN A 71 31.32 -33.16 -12.78
N ARG A 72 32.30 -32.63 -12.07
CA ARG A 72 33.54 -33.36 -11.83
C ARG A 72 33.28 -34.32 -10.66
N VAL A 73 32.66 -33.80 -9.62
CA VAL A 73 32.33 -34.59 -8.44
C VAL A 73 31.27 -35.63 -8.75
N PHE A 74 30.09 -35.17 -9.16
CA PHE A 74 28.98 -36.07 -9.46
C PHE A 74 28.97 -36.63 -10.87
N ARG A 75 29.99 -36.33 -11.65
CA ARG A 75 30.07 -36.88 -13.01
C ARG A 75 28.79 -36.61 -13.77
N GLN A 76 28.22 -35.43 -13.53
CA GLN A 76 26.97 -35.06 -14.17
C GLN A 76 26.62 -33.66 -13.70
N LEU A 77 25.82 -32.94 -14.47
CA LEU A 77 25.45 -31.60 -14.06
C LEU A 77 24.28 -31.57 -13.08
N PRO A 78 24.18 -30.52 -12.26
CA PRO A 78 23.10 -30.40 -11.27
C PRO A 78 21.74 -30.72 -11.87
N THR A 79 20.87 -31.32 -11.07
CA THR A 79 19.54 -31.66 -11.53
C THR A 79 18.54 -30.82 -10.77
N GLU A 80 17.39 -30.56 -11.38
CA GLU A 80 16.36 -29.77 -10.71
C GLU A 80 16.10 -30.40 -9.32
N ALA A 81 16.39 -31.70 -9.22
CA ALA A 81 16.21 -32.41 -7.97
C ALA A 81 17.28 -31.97 -6.95
N ASP A 82 18.50 -31.75 -7.45
CA ASP A 82 19.61 -31.32 -6.59
C ASP A 82 19.30 -29.95 -6.01
N ILE A 83 18.80 -29.08 -6.87
CA ILE A 83 18.47 -27.73 -6.47
C ILE A 83 17.46 -27.78 -5.33
N GLN A 84 16.44 -28.63 -5.50
CA GLN A 84 15.39 -28.77 -4.51
C GLN A 84 15.88 -29.38 -3.20
N GLU A 85 16.90 -30.22 -3.26
CA GLU A 85 17.46 -30.83 -2.06
C GLU A 85 18.35 -29.80 -1.36
N MET A 86 19.14 -29.08 -2.15
CA MET A 86 20.03 -28.06 -1.60
C MET A 86 19.23 -26.91 -1.00
N TYR A 87 18.02 -26.68 -1.52
CA TYR A 87 17.19 -25.62 -0.98
C TYR A 87 16.60 -26.01 0.37
N GLU A 88 16.10 -27.24 0.46
CA GLU A 88 15.53 -27.72 1.72
C GLU A 88 16.61 -27.67 2.81
N GLU A 89 17.82 -28.08 2.44
CA GLU A 89 18.93 -28.08 3.37
C GLU A 89 19.29 -26.66 3.81
N PHE A 90 19.31 -25.73 2.86
CA PHE A 90 19.61 -24.33 3.13
C PHE A 90 18.76 -23.79 4.27
N GLU A 91 17.45 -24.03 4.21
CA GLU A 91 16.53 -23.57 5.23
C GLU A 91 16.86 -24.17 6.59
N GLU A 92 16.85 -25.50 6.67
CA GLU A 92 17.14 -26.21 7.91
C GLU A 92 18.36 -25.66 8.65
N ILE A 93 19.43 -25.38 7.91
CA ILE A 93 20.67 -24.87 8.51
C ILE A 93 20.50 -23.41 8.89
N LEU A 94 19.82 -22.66 8.06
CA LEU A 94 19.60 -21.26 8.33
C LEU A 94 18.81 -21.08 9.62
N PHE A 95 17.73 -21.85 9.77
CA PHE A 95 16.92 -21.74 10.98
C PHE A 95 17.82 -21.97 12.16
N ALA A 96 18.64 -23.02 12.06
CA ALA A 96 19.57 -23.39 13.11
C ALA A 96 20.53 -22.29 13.59
N ILE A 97 21.16 -21.56 12.67
CA ILE A 97 22.10 -20.51 13.07
C ILE A 97 21.65 -19.06 12.95
N LEU A 98 20.41 -18.84 12.56
CA LEU A 98 19.87 -17.49 12.40
C LEU A 98 19.99 -16.66 13.68
N PRO A 99 19.79 -17.29 14.85
CA PRO A 99 19.90 -16.56 16.12
C PRO A 99 21.27 -15.91 16.35
N ARG A 100 22.32 -16.58 15.90
CA ARG A 100 23.69 -16.08 16.09
C ARG A 100 23.97 -14.81 15.28
N TYR A 101 23.06 -14.47 14.37
CA TYR A 101 23.24 -13.28 13.54
C TYR A 101 22.21 -12.18 13.79
N ALA A 102 21.24 -12.46 14.66
CA ALA A 102 20.20 -11.50 14.96
C ALA A 102 20.57 -10.33 15.90
N SER A 103 21.87 -10.01 16.03
CA SER A 103 22.28 -8.91 16.89
C SER A 103 22.15 -7.54 16.19
N PRO A 104 21.54 -6.57 16.88
CA PRO A 104 21.37 -5.22 16.33
C PRO A 104 22.73 -4.58 16.06
N ILE A 105 22.94 -4.14 14.82
CA ILE A 105 24.19 -3.49 14.46
C ILE A 105 24.41 -2.32 15.42
N ASN A 106 25.53 -2.37 16.14
CA ASN A 106 25.89 -1.38 17.16
C ASN A 106 25.38 0.06 17.07
N ALA A 107 25.29 0.62 15.87
CA ALA A 107 24.82 2.00 15.77
C ALA A 107 23.29 2.13 15.93
N VAL A 108 22.58 1.36 15.12
CA VAL A 108 21.11 1.34 15.01
C VAL A 108 20.21 1.57 16.22
N LYS A 109 20.39 0.80 17.29
CA LYS A 109 19.51 0.95 18.45
C LYS A 109 19.29 2.38 18.94
N GLU A 110 20.36 3.13 19.15
CA GLU A 110 20.19 4.50 19.64
C GLU A 110 19.41 5.33 18.64
N VAL A 111 19.71 5.13 17.36
CA VAL A 111 19.03 5.85 16.30
C VAL A 111 17.52 5.65 16.41
N ILE A 112 17.09 4.38 16.47
CA ILE A 112 15.67 4.04 16.58
C ILE A 112 15.04 4.76 17.77
N ALA A 113 15.78 4.79 18.87
CA ALA A 113 15.33 5.46 20.09
C ALA A 113 15.07 6.93 19.85
N SER A 114 15.97 7.57 19.11
CA SER A 114 15.85 8.98 18.80
C SER A 114 14.60 9.24 17.94
N LEU A 115 14.43 8.45 16.89
CA LEU A 115 13.28 8.59 15.99
C LEU A 115 11.94 8.42 16.72
N ARG A 116 11.87 7.47 17.65
CA ARG A 116 10.65 7.24 18.39
C ARG A 116 10.30 8.43 19.30
N GLU A 117 11.33 9.16 19.75
CA GLU A 117 11.12 10.33 20.59
C GLU A 117 10.51 11.46 19.76
N ARG A 118 10.89 11.52 18.48
CA ARG A 118 10.36 12.52 17.56
C ARG A 118 8.98 12.09 17.06
N GLY A 119 8.37 11.12 17.74
CA GLY A 119 7.05 10.65 17.37
C GLY A 119 6.98 9.93 16.02
N ILE A 120 8.14 9.60 15.49
CA ILE A 120 8.23 8.94 14.20
C ILE A 120 8.08 7.42 14.31
N LYS A 121 7.10 6.89 13.57
CA LYS A 121 6.80 5.45 13.58
C LYS A 121 7.88 4.59 12.91
N ILE A 122 8.09 3.38 13.44
CA ILE A 122 9.11 2.46 12.93
C ILE A 122 8.55 1.21 12.25
N GLY A 123 8.78 1.09 10.95
CA GLY A 123 8.28 -0.06 10.21
C GLY A 123 9.43 -0.87 9.62
N SER A 124 9.10 -1.94 8.88
CA SER A 124 10.15 -2.77 8.29
C SER A 124 9.65 -3.84 7.30
N THR A 125 10.53 -4.23 6.38
CA THR A 125 10.22 -5.25 5.38
C THR A 125 11.44 -6.16 5.28
N THR A 126 11.30 -7.29 4.59
CA THR A 126 12.41 -8.21 4.51
C THR A 126 12.36 -9.19 3.36
N GLY A 127 13.47 -9.92 3.20
CA GLY A 127 13.57 -10.93 2.16
C GLY A 127 13.41 -12.30 2.81
N TYR A 128 13.63 -12.35 4.12
CA TYR A 128 13.49 -13.59 4.87
C TYR A 128 12.02 -13.95 4.93
N THR A 129 11.74 -15.25 4.98
CA THR A 129 10.37 -15.74 5.06
C THR A 129 9.85 -15.53 6.47
N ARG A 130 8.53 -15.61 6.64
CA ARG A 130 7.95 -15.43 7.95
C ARG A 130 8.58 -16.39 8.96
N GLU A 131 8.81 -17.63 8.55
CA GLU A 131 9.45 -18.62 9.43
C GLU A 131 10.73 -18.04 9.99
N MET A 132 11.62 -17.65 9.08
CA MET A 132 12.91 -17.09 9.43
C MET A 132 12.80 -15.87 10.32
N MET A 133 11.93 -14.95 9.92
CA MET A 133 11.72 -13.73 10.67
C MET A 133 11.31 -13.97 12.10
N ASP A 134 10.46 -14.98 12.31
CA ASP A 134 9.99 -15.30 13.65
C ASP A 134 11.22 -15.46 14.54
N ILE A 135 12.17 -16.22 14.02
CA ILE A 135 13.42 -16.51 14.70
C ILE A 135 14.30 -15.28 14.86
N VAL A 136 14.47 -14.53 13.78
CA VAL A 136 15.30 -13.34 13.77
C VAL A 136 14.71 -12.27 14.68
N ALA A 137 13.41 -12.04 14.53
CA ALA A 137 12.72 -11.03 15.30
C ALA A 137 12.77 -11.30 16.80
N LYS A 138 12.64 -12.58 17.16
CA LYS A 138 12.64 -12.99 18.57
C LYS A 138 13.97 -12.68 19.23
N GLU A 139 15.05 -13.07 18.58
CA GLU A 139 16.38 -12.84 19.12
C GLU A 139 16.71 -11.33 19.15
N ALA A 140 16.26 -10.59 18.14
CA ALA A 140 16.54 -9.15 18.08
C ALA A 140 15.84 -8.36 19.17
N ALA A 141 14.62 -8.77 19.50
CA ALA A 141 13.84 -8.13 20.56
C ALA A 141 14.52 -8.34 21.90
N LEU A 142 15.08 -9.54 22.10
CA LEU A 142 15.76 -9.81 23.35
C LEU A 142 17.01 -8.94 23.39
N GLN A 143 17.60 -8.74 22.22
CA GLN A 143 18.81 -7.92 22.13
C GLN A 143 18.60 -6.42 21.94
N GLY A 144 17.39 -5.94 22.25
CA GLY A 144 17.14 -4.52 22.16
C GLY A 144 16.48 -3.86 20.96
N TYR A 145 16.13 -4.62 19.93
CA TYR A 145 15.46 -4.04 18.75
C TYR A 145 14.11 -4.67 18.39
N LYS A 146 13.09 -3.84 18.22
CA LYS A 146 11.75 -4.32 17.92
C LYS A 146 10.96 -3.21 17.20
N PRO A 147 10.83 -3.31 15.86
CA PRO A 147 10.08 -2.28 15.13
C PRO A 147 8.61 -2.33 15.51
N ASP A 148 7.87 -1.28 15.20
CA ASP A 148 6.44 -1.23 15.53
C ASP A 148 5.69 -2.20 14.62
N PHE A 149 6.29 -2.50 13.48
CA PHE A 149 5.64 -3.42 12.58
C PHE A 149 6.67 -4.12 11.73
N LEU A 150 6.25 -5.27 11.20
CA LEU A 150 7.08 -6.10 10.36
C LEU A 150 6.19 -6.80 9.33
N VAL A 151 6.72 -6.99 8.12
CA VAL A 151 6.01 -7.69 7.05
C VAL A 151 7.01 -8.54 6.30
N THR A 152 6.55 -9.66 5.75
CA THR A 152 7.42 -10.56 4.98
C THR A 152 6.71 -10.84 3.65
N PRO A 153 7.41 -11.49 2.71
CA PRO A 153 6.78 -11.80 1.42
C PRO A 153 5.50 -12.62 1.58
N ASP A 154 5.47 -13.45 2.63
CA ASP A 154 4.32 -14.28 2.93
C ASP A 154 3.03 -13.48 3.13
N ASP A 155 3.16 -12.26 3.65
CA ASP A 155 2.02 -11.38 3.91
C ASP A 155 1.45 -10.77 2.64
N VAL A 156 2.24 -10.76 1.58
CA VAL A 156 1.83 -10.15 0.32
C VAL A 156 1.85 -11.03 -0.93
N PRO A 157 1.34 -10.51 -2.06
CA PRO A 157 1.32 -11.30 -3.30
C PRO A 157 2.72 -11.63 -3.80
N ALA A 158 3.67 -10.74 -3.55
CA ALA A 158 5.05 -10.90 -3.97
C ALA A 158 5.99 -10.01 -3.14
N GLY A 159 7.20 -10.47 -2.92
CA GLY A 159 8.16 -9.68 -2.15
C GLY A 159 8.80 -8.59 -2.99
N ARG A 160 10.07 -8.31 -2.71
CA ARG A 160 10.82 -7.28 -3.43
C ARG A 160 11.03 -7.69 -4.88
N PRO A 161 11.12 -6.71 -5.81
CA PRO A 161 11.04 -5.27 -5.56
C PRO A 161 9.65 -4.61 -5.48
N TYR A 162 8.58 -5.42 -5.49
CA TYR A 162 7.23 -4.86 -5.44
C TYR A 162 7.05 -4.02 -4.17
N PRO A 163 6.16 -3.01 -4.20
CA PRO A 163 5.91 -2.13 -3.06
C PRO A 163 4.86 -2.63 -2.09
N TRP A 164 4.33 -3.83 -2.34
CA TRP A 164 3.28 -4.39 -1.50
C TRP A 164 3.57 -4.32 0.02
N MET A 165 4.67 -4.93 0.45
CA MET A 165 5.07 -4.93 1.86
C MET A 165 5.14 -3.52 2.44
N CYS A 166 5.54 -2.55 1.62
CA CYS A 166 5.64 -1.16 2.04
C CYS A 166 4.28 -0.52 2.26
N TYR A 167 3.29 -0.95 1.49
CA TYR A 167 1.94 -0.41 1.61
C TYR A 167 1.31 -1.03 2.84
N LYS A 168 1.60 -2.32 3.04
CA LYS A 168 1.07 -3.04 4.19
C LYS A 168 1.51 -2.27 5.44
N ASN A 169 2.79 -1.89 5.49
CA ASN A 169 3.35 -1.13 6.63
C ASN A 169 2.59 0.17 6.85
N ALA A 170 2.50 0.99 5.80
CA ALA A 170 1.78 2.27 5.87
C ALA A 170 0.35 2.06 6.38
N MET A 171 -0.24 0.98 5.94
CA MET A 171 -1.60 0.60 6.31
C MET A 171 -1.68 0.39 7.83
N GLU A 172 -0.79 -0.46 8.34
CA GLU A 172 -0.75 -0.78 9.74
C GLU A 172 -0.28 0.37 10.63
N LEU A 173 0.78 1.07 10.21
CA LEU A 173 1.31 2.21 10.98
C LEU A 173 0.35 3.39 10.88
N GLY A 174 -0.50 3.35 9.86
CA GLY A 174 -1.47 4.41 9.64
C GLY A 174 -0.87 5.69 9.12
N VAL A 175 0.12 5.58 8.23
CA VAL A 175 0.76 6.76 7.66
C VAL A 175 0.56 6.91 6.15
N TYR A 176 0.27 8.13 5.72
CA TYR A 176 0.07 8.45 4.31
C TYR A 176 0.38 9.93 4.08
N PRO A 177 0.79 10.31 2.86
CA PRO A 177 1.01 9.53 1.63
C PRO A 177 2.35 8.82 1.73
N MET A 178 2.70 8.05 0.70
CA MET A 178 3.96 7.32 0.71
C MET A 178 5.21 8.20 0.80
N ASN A 179 5.14 9.47 0.34
CA ASN A 179 6.33 10.32 0.43
C ASN A 179 6.53 10.92 1.82
N HIS A 180 5.78 10.39 2.77
CA HIS A 180 5.88 10.81 4.16
C HIS A 180 6.65 9.71 4.89
N MET A 181 7.20 8.79 4.11
CA MET A 181 7.94 7.67 4.65
C MET A 181 9.29 7.48 3.95
N ILE A 182 10.26 6.95 4.70
CA ILE A 182 11.58 6.69 4.17
C ILE A 182 11.81 5.18 4.18
N LYS A 183 12.51 4.69 3.16
CA LYS A 183 12.85 3.29 3.06
C LYS A 183 14.38 3.24 3.21
N VAL A 184 14.85 2.41 4.13
CA VAL A 184 16.29 2.27 4.39
C VAL A 184 16.70 0.81 4.22
N GLY A 185 17.64 0.58 3.32
CA GLY A 185 18.08 -0.78 3.07
C GLY A 185 19.58 -0.87 2.85
N ASP A 186 20.04 -2.04 2.44
CA ASP A 186 21.47 -2.25 2.23
C ASP A 186 21.77 -2.92 0.90
N THR A 187 20.76 -3.05 0.06
CA THR A 187 20.96 -3.67 -1.25
C THR A 187 20.18 -2.99 -2.35
N VAL A 188 20.59 -3.26 -3.58
CA VAL A 188 19.96 -2.73 -4.78
C VAL A 188 18.43 -2.88 -4.67
N SER A 189 17.96 -4.10 -4.39
CA SER A 189 16.53 -4.39 -4.25
C SER A 189 15.82 -3.45 -3.27
N ASP A 190 16.52 -3.08 -2.21
CA ASP A 190 15.96 -2.19 -1.22
C ASP A 190 15.65 -0.85 -1.84
N MET A 191 16.49 -0.44 -2.78
CA MET A 191 16.33 0.83 -3.46
C MET A 191 15.14 0.75 -4.41
N LYS A 192 15.09 -0.32 -5.20
CA LYS A 192 13.99 -0.54 -6.14
C LYS A 192 12.66 -0.44 -5.41
N GLU A 193 12.50 -1.31 -4.41
CA GLU A 193 11.30 -1.36 -3.59
C GLU A 193 10.91 0.02 -3.07
N GLY A 194 11.88 0.76 -2.51
CA GLY A 194 11.59 2.10 -2.01
C GLY A 194 11.00 3.00 -3.09
N ARG A 195 11.66 3.08 -4.24
CA ARG A 195 11.15 3.92 -5.33
C ARG A 195 9.81 3.40 -5.82
N ASN A 196 9.72 2.13 -6.17
CA ASN A 196 8.45 1.57 -6.65
C ASN A 196 7.28 1.92 -5.72
N ALA A 197 7.59 2.17 -4.45
CA ALA A 197 6.55 2.47 -3.46
C ALA A 197 6.35 3.97 -3.39
N GLY A 198 7.10 4.71 -4.20
CA GLY A 198 6.98 6.15 -4.19
C GLY A 198 7.43 6.84 -2.90
N MET A 199 8.44 6.31 -2.23
CA MET A 199 8.90 6.91 -1.00
C MET A 199 10.37 7.32 -1.07
N TRP A 200 10.83 8.11 -0.09
CA TRP A 200 12.23 8.53 -0.07
C TRP A 200 13.11 7.30 0.18
N THR A 201 14.05 7.04 -0.72
CA THR A 201 14.93 5.89 -0.61
C THR A 201 16.36 6.23 -0.18
N VAL A 202 16.84 5.50 0.82
CA VAL A 202 18.18 5.71 1.37
C VAL A 202 18.92 4.39 1.45
N GLY A 203 20.26 4.45 1.44
CA GLY A 203 21.04 3.23 1.52
C GLY A 203 22.18 3.31 2.52
N VAL A 204 22.29 2.32 3.39
CA VAL A 204 23.36 2.27 4.39
C VAL A 204 24.53 1.58 3.70
N ILE A 205 25.75 1.99 4.02
CA ILE A 205 26.92 1.40 3.39
C ILE A 205 27.73 0.46 4.28
N LEU A 206 28.21 0.97 5.40
CA LEU A 206 29.01 0.15 6.31
C LEU A 206 28.18 -0.95 6.97
N GLY A 207 28.43 -2.18 6.56
CA GLY A 207 27.69 -3.30 7.12
C GLY A 207 26.61 -3.80 6.17
N SER A 208 26.60 -3.25 4.96
CA SER A 208 25.63 -3.64 3.97
C SER A 208 26.05 -4.95 3.37
N SER A 209 25.14 -5.57 2.63
CA SER A 209 25.43 -6.84 1.98
C SER A 209 26.23 -6.51 0.72
N GLU A 210 26.18 -5.24 0.31
CA GLU A 210 26.91 -4.78 -0.87
C GLU A 210 28.39 -4.60 -0.52
N LEU A 211 28.67 -3.94 0.60
CA LEU A 211 30.05 -3.73 1.02
C LEU A 211 30.66 -5.04 1.48
N GLY A 212 29.79 -6.03 1.74
CA GLY A 212 30.19 -7.38 2.13
C GLY A 212 31.32 -7.64 3.12
N LEU A 213 31.65 -6.66 3.95
CA LEU A 213 32.72 -6.86 4.93
C LEU A 213 32.11 -7.08 6.31
N THR A 214 32.92 -7.60 7.24
CA THR A 214 32.45 -7.82 8.61
C THR A 214 32.95 -6.66 9.44
N GLU A 215 32.43 -6.50 10.65
CA GLU A 215 32.89 -5.42 11.52
C GLU A 215 34.40 -5.57 11.74
N GLU A 216 34.85 -6.81 11.86
CA GLU A 216 36.27 -7.09 12.05
C GLU A 216 37.13 -6.47 10.96
N GLU A 217 36.95 -6.92 9.72
CA GLU A 217 37.75 -6.40 8.62
C GLU A 217 37.57 -4.91 8.35
N VAL A 218 36.49 -4.33 8.87
CA VAL A 218 36.27 -2.90 8.68
C VAL A 218 37.14 -2.12 9.67
N GLU A 219 37.13 -2.54 10.93
CA GLU A 219 37.92 -1.86 11.96
C GLU A 219 39.42 -2.10 11.77
N ASN A 220 39.77 -3.10 10.97
CA ASN A 220 41.16 -3.44 10.70
C ASN A 220 41.52 -3.48 9.22
N MET A 221 41.04 -2.50 8.46
CA MET A 221 41.35 -2.44 7.04
C MET A 221 42.07 -1.14 6.72
N ASP A 222 42.82 -1.13 5.61
CA ASP A 222 43.57 0.04 5.20
C ASP A 222 42.61 1.16 4.84
N SER A 223 42.65 2.24 5.60
CA SER A 223 41.77 3.39 5.36
C SER A 223 41.58 3.61 3.88
N VAL A 224 42.65 4.03 3.21
CA VAL A 224 42.61 4.29 1.77
C VAL A 224 41.85 3.19 1.02
N GLU A 225 42.16 1.94 1.37
CA GLU A 225 41.53 0.78 0.73
C GLU A 225 40.02 0.77 0.98
N LEU A 226 39.64 0.90 2.25
CA LEU A 226 38.23 0.89 2.64
C LEU A 226 37.49 2.10 2.06
N ARG A 227 38.08 3.29 2.19
CA ARG A 227 37.44 4.50 1.68
C ARG A 227 37.13 4.36 0.18
N GLU A 228 37.65 3.31 -0.44
CA GLU A 228 37.42 3.07 -1.85
C GLU A 228 36.32 2.05 -2.11
N LYS A 229 36.22 1.04 -1.25
CA LYS A 229 35.18 0.02 -1.40
C LYS A 229 33.84 0.65 -1.03
N ILE A 230 33.91 1.70 -0.20
CA ILE A 230 32.72 2.42 0.24
C ILE A 230 32.07 3.14 -0.94
N GLU A 231 32.89 3.58 -1.89
CA GLU A 231 32.40 4.29 -3.05
C GLU A 231 31.83 3.37 -4.12
N VAL A 232 32.45 2.21 -4.28
CA VAL A 232 31.98 1.25 -5.28
C VAL A 232 30.55 0.82 -4.93
N VAL A 233 30.10 1.19 -3.74
CA VAL A 233 28.76 0.85 -3.28
C VAL A 233 27.91 2.11 -3.17
N ARG A 234 28.42 3.13 -2.47
CA ARG A 234 27.71 4.40 -2.32
C ARG A 234 27.26 4.87 -3.70
N ASN A 235 28.13 4.65 -4.67
CA ASN A 235 27.84 5.03 -6.04
C ASN A 235 26.83 4.02 -6.57
N ARG A 236 27.08 2.75 -6.28
CA ARG A 236 26.23 1.64 -6.69
C ARG A 236 24.78 1.90 -6.32
N PHE A 237 24.57 2.51 -5.16
CA PHE A 237 23.23 2.82 -4.68
C PHE A 237 22.54 3.89 -5.52
N VAL A 238 23.16 5.06 -5.62
CA VAL A 238 22.61 6.16 -6.40
C VAL A 238 22.26 5.71 -7.82
N GLU A 239 23.01 4.72 -8.32
CA GLU A 239 22.80 4.18 -9.67
C GLU A 239 21.58 3.26 -9.68
N ASN A 240 20.86 3.24 -8.58
CA ASN A 240 19.67 2.38 -8.47
C ASN A 240 18.46 3.06 -7.86
N GLY A 241 18.57 4.35 -7.54
CA GLY A 241 17.43 5.06 -7.00
C GLY A 241 17.56 5.67 -5.61
N ALA A 242 18.67 5.44 -4.93
CA ALA A 242 18.83 6.01 -3.60
C ALA A 242 18.84 7.55 -3.60
N HIS A 243 17.74 8.18 -3.21
CA HIS A 243 17.73 9.63 -3.17
C HIS A 243 18.94 10.04 -2.35
N PHE A 244 19.38 9.13 -1.48
CA PHE A 244 20.55 9.37 -0.65
C PHE A 244 21.27 8.08 -0.28
N THR A 245 22.45 8.24 0.31
CA THR A 245 23.25 7.11 0.76
C THR A 245 23.96 7.55 2.03
N ILE A 246 24.07 6.63 3.00
CA ILE A 246 24.74 6.94 4.25
C ILE A 246 25.69 5.79 4.66
N GLU A 247 26.89 6.14 5.11
CA GLU A 247 27.86 5.13 5.52
C GLU A 247 27.35 4.40 6.76
N THR A 248 26.63 5.12 7.61
CA THR A 248 26.06 4.54 8.81
C THR A 248 24.70 5.15 9.12
N MET A 249 23.89 4.42 9.89
CA MET A 249 22.55 4.85 10.27
C MET A 249 22.58 6.12 11.14
N GLN A 250 23.79 6.51 11.53
CA GLN A 250 24.03 7.69 12.34
C GLN A 250 23.73 8.95 11.53
N GLU A 251 23.63 8.78 10.22
CA GLU A 251 23.37 9.90 9.34
C GLU A 251 21.90 10.01 8.94
N LEU A 252 21.07 9.11 9.45
CA LEU A 252 19.64 9.09 9.10
C LEU A 252 18.85 10.37 9.40
N GLU A 253 18.82 10.80 10.66
CA GLU A 253 18.06 12.00 11.04
C GLU A 253 18.54 13.25 10.33
N SER A 254 19.72 13.18 9.73
CA SER A 254 20.30 14.29 9.02
C SER A 254 19.67 14.36 7.63
N VAL A 255 19.57 13.19 7.00
CA VAL A 255 18.96 13.07 5.68
C VAL A 255 17.49 13.48 5.77
N MET A 256 16.87 13.14 6.89
CA MET A 256 15.47 13.48 7.14
C MET A 256 15.33 14.99 7.12
N GLU A 257 16.22 15.65 7.86
CA GLU A 257 16.25 17.10 7.96
C GLU A 257 16.41 17.71 6.59
N HIS A 258 17.24 17.10 5.76
CA HIS A 258 17.46 17.58 4.41
C HIS A 258 16.16 17.43 3.65
N ILE A 259 15.73 16.17 3.47
CA ILE A 259 14.50 15.86 2.76
C ILE A 259 13.40 16.87 3.06
N GLU A 260 13.17 17.13 4.35
CA GLU A 260 12.14 18.06 4.77
C GLU A 260 12.51 19.51 4.50
N LYS A 261 12.80 19.82 3.24
CA LYS A 261 13.15 21.17 2.82
C LYS A 261 12.95 21.29 1.33
N LYS B 5 2.36 7.21 -18.08
CA LYS B 5 1.29 6.36 -18.68
C LYS B 5 0.46 5.64 -17.62
N ILE B 6 -0.86 5.81 -17.68
CA ILE B 6 -1.77 5.19 -16.72
C ILE B 6 -1.95 3.70 -17.01
N GLU B 7 -2.17 2.92 -15.95
CA GLU B 7 -2.34 1.47 -16.13
C GLU B 7 -3.60 0.94 -15.47
N ALA B 8 -4.23 1.76 -14.60
CA ALA B 8 -5.45 1.33 -13.93
C ALA B 8 -6.31 2.47 -13.46
N VAL B 9 -7.62 2.20 -13.43
CA VAL B 9 -8.60 3.14 -12.96
C VAL B 9 -9.38 2.48 -11.84
N ILE B 10 -9.47 3.16 -10.69
CA ILE B 10 -10.19 2.63 -9.54
C ILE B 10 -11.50 3.39 -9.41
N PHE B 11 -12.61 2.73 -9.71
CA PHE B 11 -13.91 3.36 -9.65
C PHE B 11 -14.64 3.13 -8.35
N ASP B 12 -15.30 4.18 -7.88
CA ASP B 12 -16.14 4.09 -6.69
C ASP B 12 -17.39 3.43 -7.24
N TRP B 13 -18.29 2.98 -6.38
CA TRP B 13 -19.53 2.35 -6.84
C TRP B 13 -20.71 3.31 -6.95
N ALA B 14 -21.53 3.43 -5.90
CA ALA B 14 -22.69 4.32 -5.99
C ALA B 14 -22.32 5.73 -6.46
N GLY B 15 -23.22 6.35 -7.25
CA GLY B 15 -22.98 7.68 -7.78
C GLY B 15 -21.86 7.78 -8.82
N THR B 16 -21.11 6.69 -9.02
CA THR B 16 -20.00 6.65 -9.98
C THR B 16 -20.15 5.59 -11.08
N THR B 17 -20.47 4.35 -10.70
CA THR B 17 -20.66 3.31 -11.71
C THR B 17 -22.07 2.76 -11.63
N VAL B 18 -22.72 2.95 -10.49
CA VAL B 18 -24.10 2.48 -10.32
C VAL B 18 -24.89 3.42 -9.45
N ASP B 19 -26.20 3.21 -9.42
CA ASP B 19 -27.08 4.01 -8.60
C ASP B 19 -26.94 5.50 -8.94
N TYR B 20 -27.57 5.93 -10.03
CA TYR B 20 -27.50 7.32 -10.46
C TYR B 20 -27.99 8.24 -9.35
N GLY B 21 -27.11 9.11 -8.88
CA GLY B 21 -27.46 10.03 -7.80
C GLY B 21 -27.28 9.45 -6.41
N CYS B 22 -26.78 8.22 -6.33
CA CYS B 22 -26.55 7.55 -5.05
C CYS B 22 -27.73 7.80 -4.14
N PHE B 23 -28.88 7.21 -4.47
CA PHE B 23 -30.09 7.37 -3.66
C PHE B 23 -30.39 6.28 -2.62
N ALA B 24 -29.87 5.08 -2.82
CA ALA B 24 -30.10 3.99 -1.87
C ALA B 24 -30.04 4.36 -0.38
N PRO B 25 -28.92 4.95 0.09
CA PRO B 25 -28.75 5.33 1.50
C PRO B 25 -29.58 6.52 2.04
N LEU B 26 -29.80 7.51 1.18
CA LEU B 26 -30.50 8.74 1.50
C LEU B 26 -31.66 8.75 2.50
N GLU B 27 -32.76 8.08 2.14
CA GLU B 27 -33.89 8.06 3.04
C GLU B 27 -33.69 7.20 4.27
N VAL B 28 -32.76 6.26 4.22
CA VAL B 28 -32.50 5.43 5.39
C VAL B 28 -31.82 6.31 6.48
N PHE B 29 -30.86 7.15 6.08
CA PHE B 29 -30.19 8.02 7.04
C PHE B 29 -31.20 9.02 7.64
N MET B 30 -32.07 9.58 6.80
CA MET B 30 -33.07 10.54 7.30
C MET B 30 -34.10 9.81 8.17
N GLU B 31 -34.44 8.59 7.80
CA GLU B 31 -35.41 7.83 8.58
C GLU B 31 -34.91 7.52 10.00
N ILE B 32 -33.68 7.02 10.11
CA ILE B 32 -33.12 6.69 11.42
C ILE B 32 -33.12 7.90 12.36
N PHE B 33 -32.87 9.09 11.83
CA PHE B 33 -32.88 10.25 12.69
C PHE B 33 -34.31 10.73 12.90
N HIS B 34 -35.17 10.56 11.89
CA HIS B 34 -36.55 11.02 12.05
C HIS B 34 -37.34 10.27 13.13
N LYS B 35 -36.97 9.01 13.36
CA LYS B 35 -37.65 8.24 14.39
C LYS B 35 -37.33 8.80 15.77
N ARG B 36 -36.19 9.46 15.90
CA ARG B 36 -35.80 10.02 17.20
C ARG B 36 -36.31 11.45 17.37
N GLY B 37 -37.14 11.89 16.45
CA GLY B 37 -37.65 13.25 16.55
C GLY B 37 -36.65 14.30 16.14
N VAL B 38 -35.62 13.89 15.40
CA VAL B 38 -34.58 14.82 14.94
C VAL B 38 -34.49 14.77 13.41
N ALA B 39 -35.11 15.74 12.75
CA ALA B 39 -35.10 15.78 11.30
C ALA B 39 -33.78 16.33 10.79
N ILE B 40 -33.29 15.78 9.69
CA ILE B 40 -32.05 16.24 9.06
C ILE B 40 -32.39 16.49 7.59
N THR B 41 -31.51 17.18 6.87
CA THR B 41 -31.72 17.47 5.46
C THR B 41 -30.89 16.53 4.58
N ALA B 42 -31.29 16.39 3.32
CA ALA B 42 -30.55 15.54 2.39
C ALA B 42 -29.10 15.99 2.30
N GLU B 43 -28.90 17.30 2.25
CA GLU B 43 -27.56 17.88 2.17
C GLU B 43 -26.71 17.31 3.32
N GLU B 44 -27.24 17.38 4.53
CA GLU B 44 -26.54 16.87 5.70
C GLU B 44 -26.29 15.38 5.51
N ALA B 45 -27.37 14.65 5.21
CA ALA B 45 -27.30 13.20 5.00
C ALA B 45 -26.21 12.84 3.99
N ARG B 46 -26.11 13.64 2.93
CA ARG B 46 -25.14 13.38 1.89
C ARG B 46 -23.70 13.81 2.17
N LYS B 47 -23.53 14.75 3.11
CA LYS B 47 -22.20 15.28 3.37
C LYS B 47 -21.11 14.24 3.52
N PRO B 48 -21.30 13.25 4.41
CA PRO B 48 -20.28 12.23 4.58
C PRO B 48 -20.40 11.01 3.62
N MET B 49 -21.29 11.07 2.63
CA MET B 49 -21.42 9.93 1.70
C MET B 49 -20.05 9.40 1.21
N GLY B 50 -19.94 8.08 1.08
CA GLY B 50 -18.68 7.50 0.61
C GLY B 50 -17.88 6.86 1.74
N LEU B 51 -18.09 7.34 2.96
CA LEU B 51 -17.39 6.79 4.13
C LEU B 51 -18.05 5.47 4.47
N LEU B 52 -17.37 4.64 5.25
CA LEU B 52 -17.93 3.37 5.68
C LEU B 52 -19.22 3.72 6.43
N LYS B 53 -20.29 3.01 6.12
CA LYS B 53 -21.59 3.26 6.71
C LYS B 53 -21.68 3.59 8.21
N ILE B 54 -21.00 2.83 9.07
CA ILE B 54 -21.05 3.13 10.49
C ILE B 54 -20.44 4.52 10.75
N ASP B 55 -19.33 4.81 10.06
CA ASP B 55 -18.65 6.09 10.18
C ASP B 55 -19.56 7.24 9.74
N HIS B 56 -20.35 6.99 8.70
CA HIS B 56 -21.27 7.97 8.15
C HIS B 56 -22.30 8.37 9.22
N VAL B 57 -22.78 7.38 9.96
CA VAL B 57 -23.77 7.62 11.01
C VAL B 57 -23.12 8.44 12.12
N ARG B 58 -21.98 7.97 12.59
CA ARG B 58 -21.26 8.67 13.64
C ARG B 58 -21.00 10.11 13.17
N ALA B 59 -20.61 10.26 11.90
CA ALA B 59 -20.33 11.58 11.35
C ALA B 59 -21.57 12.46 11.44
N LEU B 60 -22.73 11.91 11.09
CA LEU B 60 -23.97 12.67 11.18
C LEU B 60 -24.16 13.22 12.60
N THR B 61 -23.98 12.37 13.62
CA THR B 61 -24.17 12.80 15.01
C THR B 61 -23.13 13.84 15.45
N GLU B 62 -21.97 13.80 14.80
CA GLU B 62 -20.88 14.73 15.08
C GLU B 62 -21.28 16.14 14.65
N MET B 63 -22.10 16.23 13.61
CA MET B 63 -22.57 17.51 13.08
C MET B 63 -23.25 18.38 14.13
N PRO B 64 -22.69 19.57 14.39
CA PRO B 64 -23.20 20.54 15.36
C PRO B 64 -24.72 20.72 15.32
N ARG B 65 -25.23 21.13 14.17
CA ARG B 65 -26.65 21.35 13.96
C ARG B 65 -27.46 20.18 14.51
N ILE B 66 -27.06 18.96 14.13
CA ILE B 66 -27.74 17.76 14.55
C ILE B 66 -27.49 17.45 16.02
N ALA B 67 -26.22 17.50 16.43
CA ALA B 67 -25.85 17.25 17.82
C ALA B 67 -26.63 18.20 18.77
N SER B 68 -26.63 19.48 18.44
CA SER B 68 -27.34 20.45 19.27
C SER B 68 -28.82 20.13 19.35
N GLU B 69 -29.41 19.82 18.20
CA GLU B 69 -30.82 19.51 18.13
C GLU B 69 -31.14 18.27 18.94
N TRP B 70 -30.25 17.28 18.86
CA TRP B 70 -30.40 16.03 19.61
C TRP B 70 -30.28 16.30 21.11
N ASN B 71 -29.26 17.08 21.47
CA ASN B 71 -29.03 17.42 22.86
C ASN B 71 -30.29 18.09 23.41
N ARG B 72 -30.83 19.03 22.64
CA ARG B 72 -32.03 19.75 23.04
C ARG B 72 -33.24 18.82 23.21
N VAL B 73 -33.39 17.85 22.31
CA VAL B 73 -34.52 16.93 22.35
C VAL B 73 -34.38 15.88 23.45
N PHE B 74 -33.16 15.36 23.63
CA PHE B 74 -32.93 14.32 24.62
C PHE B 74 -32.28 14.78 25.91
N ARG B 75 -31.77 16.02 25.92
CA ARG B 75 -31.11 16.55 27.11
C ARG B 75 -29.77 15.86 27.32
N GLN B 76 -29.10 15.55 26.21
CA GLN B 76 -27.79 14.91 26.20
C GLN B 76 -27.40 14.61 24.75
N LEU B 77 -26.10 14.73 24.46
CA LEU B 77 -25.60 14.48 23.12
C LEU B 77 -25.78 13.01 22.75
N PRO B 78 -25.73 12.69 21.45
CA PRO B 78 -25.89 11.31 20.98
C PRO B 78 -24.87 10.39 21.66
N THR B 79 -25.32 9.18 21.97
CA THR B 79 -24.51 8.16 22.65
C THR B 79 -24.01 7.05 21.71
N GLU B 80 -23.05 6.25 22.16
CA GLU B 80 -22.56 5.15 21.34
C GLU B 80 -23.65 4.13 21.21
N ALA B 81 -24.51 4.04 22.22
CA ALA B 81 -25.63 3.12 22.17
C ALA B 81 -26.57 3.61 21.06
N ASP B 82 -26.89 4.90 21.09
CA ASP B 82 -27.77 5.49 20.07
C ASP B 82 -27.26 5.16 18.70
N ILE B 83 -26.00 5.51 18.49
CA ILE B 83 -25.32 5.26 17.23
C ILE B 83 -25.45 3.78 16.83
N GLN B 84 -25.08 2.89 17.74
CA GLN B 84 -25.12 1.47 17.46
C GLN B 84 -26.52 0.95 17.14
N GLU B 85 -27.53 1.55 17.75
CA GLU B 85 -28.90 1.12 17.48
C GLU B 85 -29.36 1.63 16.13
N MET B 86 -29.13 2.90 15.85
CA MET B 86 -29.54 3.48 14.58
C MET B 86 -28.86 2.73 13.44
N TYR B 87 -27.62 2.31 13.68
CA TYR B 87 -26.91 1.60 12.63
C TYR B 87 -27.58 0.26 12.35
N GLU B 88 -27.98 -0.44 13.42
CA GLU B 88 -28.63 -1.73 13.31
C GLU B 88 -29.89 -1.57 12.47
N GLU B 89 -30.56 -0.42 12.65
CA GLU B 89 -31.77 -0.11 11.89
C GLU B 89 -31.41 0.22 10.46
N PHE B 90 -30.40 1.07 10.29
CA PHE B 90 -29.96 1.49 8.95
C PHE B 90 -29.74 0.25 8.07
N GLU B 91 -29.08 -0.75 8.62
CA GLU B 91 -28.79 -1.99 7.90
C GLU B 91 -30.04 -2.77 7.51
N GLU B 92 -30.99 -2.86 8.43
CA GLU B 92 -32.22 -3.58 8.14
C GLU B 92 -32.94 -3.00 6.94
N ILE B 93 -33.13 -1.69 6.98
CA ILE B 93 -33.81 -0.97 5.92
C ILE B 93 -33.02 -1.03 4.59
N LEU B 94 -31.71 -0.81 4.66
CA LEU B 94 -30.87 -0.82 3.47
C LEU B 94 -30.90 -2.15 2.73
N PHE B 95 -30.57 -3.23 3.43
CA PHE B 95 -30.52 -4.57 2.85
C PHE B 95 -31.73 -4.98 2.00
N ALA B 96 -32.92 -4.62 2.45
CA ALA B 96 -34.15 -4.96 1.75
C ALA B 96 -34.40 -4.14 0.48
N ILE B 97 -33.53 -3.19 0.17
CA ILE B 97 -33.73 -2.38 -1.02
C ILE B 97 -32.52 -2.29 -1.93
N LEU B 98 -31.37 -2.73 -1.44
CA LEU B 98 -30.12 -2.69 -2.19
C LEU B 98 -30.16 -3.28 -3.60
N PRO B 99 -30.91 -4.38 -3.79
CA PRO B 99 -30.98 -4.97 -5.13
C PRO B 99 -31.52 -3.99 -6.17
N ARG B 100 -32.39 -3.08 -5.72
CA ARG B 100 -32.99 -2.09 -6.60
C ARG B 100 -32.05 -0.91 -6.92
N TYR B 101 -30.84 -0.93 -6.38
CA TYR B 101 -29.90 0.16 -6.62
C TYR B 101 -28.53 -0.26 -7.12
N ALA B 102 -28.51 -1.27 -7.99
CA ALA B 102 -27.23 -1.74 -8.51
C ALA B 102 -27.17 -1.61 -10.03
N SER B 103 -28.06 -0.80 -10.59
CA SER B 103 -28.10 -0.60 -12.02
C SER B 103 -26.98 0.34 -12.47
N PRO B 104 -26.23 -0.06 -13.49
CA PRO B 104 -25.14 0.77 -14.00
C PRO B 104 -25.61 2.11 -14.58
N ILE B 105 -24.86 3.17 -14.29
CA ILE B 105 -25.17 4.50 -14.79
C ILE B 105 -24.97 4.46 -16.31
N ASN B 106 -26.04 4.83 -17.02
CA ASN B 106 -26.10 4.81 -18.48
C ASN B 106 -24.90 4.48 -19.35
N ALA B 107 -24.03 5.46 -19.61
CA ALA B 107 -22.89 5.22 -20.50
C ALA B 107 -21.60 4.70 -19.88
N VAL B 108 -21.62 4.31 -18.62
CA VAL B 108 -20.41 3.83 -17.97
C VAL B 108 -19.86 2.56 -18.62
N LYS B 109 -20.72 1.59 -18.89
CA LYS B 109 -20.28 0.33 -19.48
C LYS B 109 -19.50 0.47 -20.79
N GLU B 110 -19.87 1.41 -21.65
CA GLU B 110 -19.14 1.62 -22.89
C GLU B 110 -17.72 2.06 -22.53
N VAL B 111 -17.60 2.95 -21.55
CA VAL B 111 -16.30 3.42 -21.10
C VAL B 111 -15.43 2.24 -20.67
N ILE B 112 -15.94 1.47 -19.72
CA ILE B 112 -15.22 0.33 -19.19
C ILE B 112 -14.69 -0.54 -20.34
N ALA B 113 -15.60 -0.96 -21.22
CA ALA B 113 -15.23 -1.80 -22.36
C ALA B 113 -14.09 -1.15 -23.13
N SER B 114 -14.16 0.16 -23.29
CA SER B 114 -13.12 0.89 -23.99
C SER B 114 -11.80 0.88 -23.22
N LEU B 115 -11.89 0.93 -21.89
CA LEU B 115 -10.67 0.91 -21.09
C LEU B 115 -9.99 -0.45 -21.23
N ARG B 116 -10.79 -1.50 -21.17
CA ARG B 116 -10.28 -2.85 -21.31
C ARG B 116 -9.62 -3.07 -22.67
N GLU B 117 -10.26 -2.58 -23.73
CA GLU B 117 -9.68 -2.71 -25.06
C GLU B 117 -8.33 -2.01 -25.15
N ARG B 118 -8.09 -1.10 -24.20
CA ARG B 118 -6.81 -0.38 -24.16
C ARG B 118 -5.87 -1.04 -23.15
N GLY B 119 -6.27 -2.20 -22.63
CA GLY B 119 -5.43 -2.91 -21.68
C GLY B 119 -5.31 -2.28 -20.29
N ILE B 120 -6.33 -1.55 -19.90
CA ILE B 120 -6.34 -0.89 -18.60
C ILE B 120 -7.08 -1.72 -17.54
N LYS B 121 -6.49 -1.81 -16.35
CA LYS B 121 -7.05 -2.56 -15.23
C LYS B 121 -8.22 -1.79 -14.62
N ILE B 122 -9.18 -2.53 -14.05
CA ILE B 122 -10.35 -1.91 -13.44
C ILE B 122 -10.52 -2.38 -11.99
N GLY B 123 -10.28 -1.45 -11.06
CA GLY B 123 -10.42 -1.75 -9.65
C GLY B 123 -11.53 -0.87 -9.10
N SER B 124 -11.93 -1.13 -7.86
CA SER B 124 -12.99 -0.34 -7.26
C SER B 124 -12.94 -0.33 -5.73
N THR B 125 -13.43 0.76 -5.13
CA THR B 125 -13.46 0.90 -3.67
C THR B 125 -14.83 1.46 -3.32
N THR B 126 -15.24 1.29 -2.07
CA THR B 126 -16.57 1.73 -1.69
C THR B 126 -16.72 1.99 -0.18
N GLY B 127 -17.88 2.49 0.21
CA GLY B 127 -18.17 2.76 1.59
C GLY B 127 -19.08 1.67 2.12
N TYR B 128 -19.69 0.90 1.21
CA TYR B 128 -20.55 -0.22 1.56
C TYR B 128 -19.73 -1.33 2.21
N THR B 129 -20.35 -2.10 3.09
CA THR B 129 -19.65 -3.22 3.73
C THR B 129 -19.56 -4.36 2.70
N ARG B 130 -18.84 -5.42 3.06
CA ARG B 130 -18.69 -6.58 2.15
C ARG B 130 -20.05 -7.26 1.94
N GLU B 131 -20.82 -7.33 3.01
CA GLU B 131 -22.14 -7.95 2.97
C GLU B 131 -23.04 -7.17 2.04
N MET B 132 -22.97 -5.85 2.11
CA MET B 132 -23.77 -5.01 1.24
C MET B 132 -23.29 -5.19 -0.20
N MET B 133 -21.97 -5.15 -0.40
CA MET B 133 -21.42 -5.30 -1.74
C MET B 133 -21.74 -6.65 -2.36
N ASP B 134 -22.07 -7.63 -1.52
CA ASP B 134 -22.40 -8.94 -2.04
C ASP B 134 -23.68 -8.83 -2.84
N ILE B 135 -24.62 -8.08 -2.29
CA ILE B 135 -25.90 -7.87 -2.95
C ILE B 135 -25.70 -6.97 -4.15
N VAL B 136 -25.11 -5.81 -3.91
CA VAL B 136 -24.87 -4.85 -4.98
C VAL B 136 -24.01 -5.36 -6.13
N ALA B 137 -22.88 -6.00 -5.84
CA ALA B 137 -22.01 -6.49 -6.90
C ALA B 137 -22.62 -7.63 -7.71
N LYS B 138 -23.50 -8.41 -7.09
CA LYS B 138 -24.15 -9.52 -7.78
C LYS B 138 -25.07 -8.94 -8.85
N GLU B 139 -25.96 -8.06 -8.40
CA GLU B 139 -26.92 -7.41 -9.27
C GLU B 139 -26.23 -6.58 -10.36
N ALA B 140 -25.09 -5.99 -10.02
CA ALA B 140 -24.35 -5.19 -10.98
C ALA B 140 -23.82 -6.09 -12.09
N ALA B 141 -23.32 -7.25 -11.71
CA ALA B 141 -22.77 -8.19 -12.67
C ALA B 141 -23.86 -8.67 -13.64
N LEU B 142 -25.03 -9.00 -13.11
CA LEU B 142 -26.12 -9.43 -13.98
C LEU B 142 -26.48 -8.32 -14.95
N GLN B 143 -26.32 -7.06 -14.53
CA GLN B 143 -26.64 -5.96 -15.41
C GLN B 143 -25.45 -5.55 -16.26
N GLY B 144 -24.44 -6.42 -16.32
CA GLY B 144 -23.27 -6.13 -17.16
C GLY B 144 -22.04 -5.41 -16.65
N TYR B 145 -22.02 -5.01 -15.38
CA TYR B 145 -20.83 -4.33 -14.85
C TYR B 145 -20.13 -5.15 -13.77
N LYS B 146 -18.85 -5.40 -13.95
CA LYS B 146 -18.07 -6.16 -12.98
C LYS B 146 -16.59 -5.85 -13.13
N PRO B 147 -16.07 -4.97 -12.26
CA PRO B 147 -14.66 -4.60 -12.32
C PRO B 147 -13.79 -5.83 -12.01
N ASP B 148 -12.50 -5.74 -12.34
CA ASP B 148 -11.59 -6.84 -12.09
C ASP B 148 -11.40 -7.14 -10.61
N PHE B 149 -11.58 -6.12 -9.78
CA PHE B 149 -11.39 -6.30 -8.36
C PHE B 149 -12.24 -5.33 -7.57
N LEU B 150 -12.57 -5.76 -6.37
CA LEU B 150 -13.42 -5.00 -5.45
C LEU B 150 -12.85 -4.99 -4.03
N VAL B 151 -12.93 -3.84 -3.36
CA VAL B 151 -12.44 -3.70 -1.99
C VAL B 151 -13.34 -2.84 -1.12
N THR B 152 -13.79 -3.42 0.01
CA THR B 152 -14.62 -2.68 0.96
C THR B 152 -13.73 -2.36 2.16
N PRO B 153 -14.24 -1.57 3.12
CA PRO B 153 -13.41 -1.28 4.29
C PRO B 153 -13.22 -2.53 5.15
N ASP B 154 -14.06 -3.55 4.94
CA ASP B 154 -13.94 -4.78 5.71
C ASP B 154 -12.62 -5.49 5.45
N ASP B 155 -11.92 -5.05 4.41
CA ASP B 155 -10.66 -5.68 4.04
C ASP B 155 -9.44 -4.89 4.51
N VAL B 156 -9.66 -3.76 5.17
CA VAL B 156 -8.54 -2.92 5.59
C VAL B 156 -8.71 -2.27 6.95
N PRO B 157 -7.64 -1.66 7.48
CA PRO B 157 -7.74 -1.00 8.79
C PRO B 157 -8.90 0.01 8.89
N ALA B 158 -9.16 0.76 7.82
CA ALA B 158 -10.25 1.74 7.82
C ALA B 158 -10.71 2.12 6.42
N GLY B 159 -11.87 2.76 6.33
CA GLY B 159 -12.38 3.18 5.04
C GLY B 159 -11.88 4.55 4.59
N ARG B 160 -12.63 5.22 3.72
CA ARG B 160 -12.23 6.55 3.25
C ARG B 160 -12.21 7.51 4.46
N PRO B 161 -11.37 8.55 4.43
CA PRO B 161 -10.45 8.99 3.38
C PRO B 161 -9.13 8.23 3.27
N TYR B 162 -8.87 7.32 4.21
CA TYR B 162 -7.63 6.53 4.18
C TYR B 162 -7.46 5.86 2.83
N PRO B 163 -6.21 5.77 2.33
CA PRO B 163 -5.89 5.16 1.04
C PRO B 163 -5.63 3.67 1.06
N TRP B 164 -5.99 3.02 2.16
CA TRP B 164 -5.78 1.59 2.33
C TRP B 164 -6.42 0.75 1.21
N MET B 165 -7.72 0.93 1.00
CA MET B 165 -8.46 0.21 -0.04
C MET B 165 -7.81 0.36 -1.42
N CYS B 166 -7.25 1.54 -1.70
CA CYS B 166 -6.59 1.75 -2.98
C CYS B 166 -5.32 0.90 -3.09
N TYR B 167 -4.55 0.81 -2.01
CA TYR B 167 -3.33 0.02 -2.03
C TYR B 167 -3.61 -1.47 -2.30
N LYS B 168 -4.66 -2.02 -1.72
CA LYS B 168 -4.96 -3.42 -1.95
C LYS B 168 -5.27 -3.60 -3.44
N ASN B 169 -6.04 -2.66 -4.01
CA ASN B 169 -6.37 -2.73 -5.42
C ASN B 169 -5.05 -2.74 -6.21
N ALA B 170 -4.11 -1.92 -5.80
CA ALA B 170 -2.82 -1.86 -6.48
C ALA B 170 -2.11 -3.21 -6.36
N MET B 171 -2.04 -3.76 -5.15
CA MET B 171 -1.38 -5.06 -4.93
C MET B 171 -1.96 -6.16 -5.81
N GLU B 172 -3.28 -6.22 -5.88
CA GLU B 172 -3.99 -7.23 -6.66
C GLU B 172 -3.77 -7.10 -8.16
N LEU B 173 -3.96 -5.89 -8.68
CA LEU B 173 -3.78 -5.61 -10.10
C LEU B 173 -2.28 -5.53 -10.44
N GLY B 174 -1.43 -5.56 -9.42
CA GLY B 174 0.00 -5.50 -9.63
C GLY B 174 0.46 -4.30 -10.44
N VAL B 175 0.05 -3.11 -9.97
CA VAL B 175 0.36 -1.84 -10.60
C VAL B 175 1.11 -0.91 -9.64
N TYR B 176 2.20 -0.30 -10.10
CA TYR B 176 2.96 0.63 -9.28
C TYR B 176 3.74 1.55 -10.20
N PRO B 177 4.06 2.76 -9.75
CA PRO B 177 3.69 3.31 -8.43
C PRO B 177 2.24 3.78 -8.48
N MET B 178 1.79 4.42 -7.40
CA MET B 178 0.41 4.91 -7.33
C MET B 178 0.12 5.96 -8.41
N ASN B 179 1.14 6.67 -8.86
CA ASN B 179 0.92 7.70 -9.88
C ASN B 179 0.51 7.10 -11.24
N HIS B 180 0.49 5.78 -11.34
CA HIS B 180 0.08 5.11 -12.57
C HIS B 180 -1.36 4.70 -12.47
N MET B 181 -2.05 5.16 -11.43
CA MET B 181 -3.47 4.83 -11.25
C MET B 181 -4.32 6.08 -11.11
N ILE B 182 -5.53 6.02 -11.64
CA ILE B 182 -6.45 7.14 -11.58
C ILE B 182 -7.63 6.72 -10.71
N LYS B 183 -8.12 7.66 -9.92
CA LYS B 183 -9.25 7.40 -9.06
C LYS B 183 -10.42 8.27 -9.52
N VAL B 184 -11.60 7.66 -9.65
CA VAL B 184 -12.79 8.38 -10.07
C VAL B 184 -13.87 8.17 -9.02
N GLY B 185 -14.48 9.26 -8.55
CA GLY B 185 -15.52 9.18 -7.55
C GLY B 185 -16.56 10.29 -7.65
N ASP B 186 -17.63 10.18 -6.85
CA ASP B 186 -18.69 11.18 -6.87
C ASP B 186 -18.88 11.97 -5.58
N THR B 187 -17.91 11.89 -4.66
CA THR B 187 -18.05 12.61 -3.40
C THR B 187 -16.77 13.24 -2.93
N VAL B 188 -16.86 14.01 -1.85
CA VAL B 188 -15.69 14.65 -1.26
C VAL B 188 -14.74 13.61 -0.66
N SER B 189 -15.28 12.57 -0.02
CA SER B 189 -14.42 11.53 0.58
C SER B 189 -13.68 10.75 -0.51
N ASP B 190 -14.29 10.67 -1.70
CA ASP B 190 -13.66 10.00 -2.85
C ASP B 190 -12.45 10.83 -3.30
N MET B 191 -12.55 12.14 -3.18
CA MET B 191 -11.47 13.05 -3.60
C MET B 191 -10.29 12.95 -2.66
N LYS B 192 -10.58 13.01 -1.36
CA LYS B 192 -9.54 12.94 -0.36
C LYS B 192 -8.89 11.55 -0.39
N GLU B 193 -9.63 10.54 -0.83
CA GLU B 193 -9.08 9.20 -0.91
C GLU B 193 -8.04 9.12 -2.04
N GLY B 194 -8.31 9.81 -3.13
CA GLY B 194 -7.39 9.80 -4.26
C GLY B 194 -6.09 10.53 -3.98
N ARG B 195 -6.21 11.74 -3.44
CA ARG B 195 -5.01 12.51 -3.14
C ARG B 195 -4.21 11.82 -2.03
N ASN B 196 -4.88 11.29 -1.02
CA ASN B 196 -4.19 10.58 0.06
C ASN B 196 -3.41 9.39 -0.48
N ALA B 197 -4.02 8.66 -1.41
CA ALA B 197 -3.41 7.49 -2.04
C ALA B 197 -2.32 7.86 -3.05
N GLY B 198 -2.20 9.14 -3.39
CA GLY B 198 -1.16 9.55 -4.31
C GLY B 198 -1.42 9.28 -5.79
N MET B 199 -2.68 9.19 -6.18
CA MET B 199 -3.00 8.94 -7.57
C MET B 199 -3.72 10.10 -8.24
N TRP B 200 -3.97 9.95 -9.54
CA TRP B 200 -4.68 10.99 -10.27
C TRP B 200 -6.13 10.90 -9.83
N THR B 201 -6.68 12.02 -9.41
CA THR B 201 -8.05 12.06 -8.91
C THR B 201 -9.03 12.84 -9.79
N VAL B 202 -10.18 12.23 -10.02
CA VAL B 202 -11.23 12.80 -10.84
C VAL B 202 -12.60 12.67 -10.20
N GLY B 203 -13.42 13.70 -10.37
CA GLY B 203 -14.77 13.66 -9.83
C GLY B 203 -15.76 13.76 -10.98
N VAL B 204 -16.80 12.94 -10.94
CA VAL B 204 -17.84 12.95 -11.98
C VAL B 204 -19.03 13.64 -11.38
N ILE B 205 -19.58 14.59 -12.13
CA ILE B 205 -20.69 15.39 -11.65
C ILE B 205 -22.09 14.84 -11.92
N LEU B 206 -22.49 14.73 -13.18
CA LEU B 206 -23.83 14.22 -13.45
C LEU B 206 -23.97 12.80 -12.90
N GLY B 207 -24.96 12.59 -12.03
CA GLY B 207 -25.18 11.28 -11.41
C GLY B 207 -24.50 11.15 -10.05
N SER B 208 -23.63 12.10 -9.74
CA SER B 208 -22.90 12.13 -8.48
C SER B 208 -23.80 12.32 -7.29
N SER B 209 -23.29 11.95 -6.11
CA SER B 209 -24.03 12.10 -4.87
C SER B 209 -24.11 13.60 -4.63
N GLU B 210 -22.98 14.26 -4.86
CA GLU B 210 -22.83 15.70 -4.68
C GLU B 210 -23.83 16.52 -5.47
N LEU B 211 -24.20 16.04 -6.66
CA LEU B 211 -25.16 16.77 -7.46
C LEU B 211 -26.53 16.43 -6.87
N GLY B 212 -26.64 15.23 -6.31
CA GLY B 212 -27.87 14.79 -5.68
C GLY B 212 -29.16 14.84 -6.50
N LEU B 213 -29.05 14.65 -7.81
CA LEU B 213 -30.23 14.69 -8.68
C LEU B 213 -30.46 13.39 -9.39
N THR B 214 -31.70 13.15 -9.80
CA THR B 214 -32.04 11.93 -10.54
C THR B 214 -31.82 12.21 -12.02
N GLU B 215 -31.96 11.19 -12.86
CA GLU B 215 -31.80 11.39 -14.29
C GLU B 215 -32.91 12.28 -14.83
N GLU B 216 -34.11 12.10 -14.28
CA GLU B 216 -35.27 12.90 -14.69
C GLU B 216 -34.95 14.36 -14.42
N GLU B 217 -34.69 14.64 -13.14
CA GLU B 217 -34.37 15.99 -12.68
C GLU B 217 -33.28 16.67 -13.50
N VAL B 218 -32.34 15.90 -14.03
CA VAL B 218 -31.25 16.45 -14.82
C VAL B 218 -31.62 16.73 -16.27
N GLU B 219 -32.48 15.90 -16.83
CA GLU B 219 -32.91 16.07 -18.22
C GLU B 219 -34.04 17.09 -18.32
N ASN B 220 -34.76 17.32 -17.24
CA ASN B 220 -35.87 18.25 -17.26
C ASN B 220 -35.66 19.49 -16.40
N MET B 221 -34.41 19.85 -16.18
CA MET B 221 -34.13 21.03 -15.38
C MET B 221 -33.76 22.24 -16.22
N ASP B 222 -34.05 23.42 -15.67
CA ASP B 222 -33.69 24.68 -16.31
C ASP B 222 -32.21 24.53 -16.67
N SER B 223 -31.89 24.52 -17.96
CA SER B 223 -30.51 24.37 -18.38
C SER B 223 -29.59 25.32 -17.66
N VAL B 224 -30.00 26.59 -17.59
CA VAL B 224 -29.21 27.60 -16.91
C VAL B 224 -29.01 27.25 -15.44
N GLU B 225 -30.07 26.81 -14.79
CA GLU B 225 -29.98 26.42 -13.40
C GLU B 225 -29.04 25.23 -13.26
N LEU B 226 -29.16 24.27 -14.18
CA LEU B 226 -28.34 23.06 -14.17
C LEU B 226 -26.84 23.31 -14.24
N ARG B 227 -26.41 24.00 -15.29
CA ARG B 227 -25.00 24.31 -15.48
C ARG B 227 -24.46 24.98 -14.22
N GLU B 228 -25.33 25.74 -13.56
CA GLU B 228 -24.99 26.46 -12.33
C GLU B 228 -24.72 25.52 -11.14
N LYS B 229 -25.53 24.47 -10.99
CA LYS B 229 -25.35 23.51 -9.91
C LYS B 229 -24.13 22.63 -10.21
N ILE B 230 -23.93 22.36 -11.50
CA ILE B 230 -22.79 21.57 -11.93
C ILE B 230 -21.53 22.27 -11.43
N GLU B 231 -21.52 23.59 -11.60
CA GLU B 231 -20.40 24.44 -11.20
C GLU B 231 -20.09 24.39 -9.71
N VAL B 232 -21.12 24.32 -8.88
CA VAL B 232 -20.89 24.26 -7.44
C VAL B 232 -20.24 22.94 -7.06
N VAL B 233 -20.75 21.84 -7.62
CA VAL B 233 -20.20 20.50 -7.34
C VAL B 233 -18.77 20.48 -7.84
N ARG B 234 -18.59 20.95 -9.07
CA ARG B 234 -17.27 20.99 -9.71
C ARG B 234 -16.31 21.76 -8.81
N ASN B 235 -16.66 22.99 -8.50
CA ASN B 235 -15.82 23.81 -7.65
C ASN B 235 -15.55 23.07 -6.33
N ARG B 236 -16.54 22.32 -5.85
CA ARG B 236 -16.40 21.56 -4.61
C ARG B 236 -15.43 20.40 -4.71
N PHE B 237 -15.52 19.62 -5.78
CA PHE B 237 -14.59 18.50 -5.96
C PHE B 237 -13.13 19.00 -5.96
N VAL B 238 -12.85 20.06 -6.75
CA VAL B 238 -11.50 20.61 -6.85
C VAL B 238 -11.02 21.12 -5.50
N GLU B 239 -11.88 21.89 -4.87
CA GLU B 239 -11.64 22.49 -3.58
C GLU B 239 -11.13 21.40 -2.62
N ASN B 240 -11.58 20.18 -2.85
CA ASN B 240 -11.18 19.07 -1.98
C ASN B 240 -10.10 18.14 -2.54
N GLY B 241 -9.35 18.62 -3.53
CA GLY B 241 -8.27 17.81 -4.07
C GLY B 241 -8.34 17.22 -5.48
N ALA B 242 -9.52 17.13 -6.08
CA ALA B 242 -9.64 16.58 -7.44
C ALA B 242 -8.63 17.21 -8.37
N HIS B 243 -8.00 16.39 -9.21
CA HIS B 243 -7.02 16.92 -10.16
C HIS B 243 -7.76 17.45 -11.38
N PHE B 244 -8.86 16.79 -11.73
CA PHE B 244 -9.69 17.16 -12.87
C PHE B 244 -11.14 16.77 -12.59
N THR B 245 -12.07 17.38 -13.31
CA THR B 245 -13.49 17.07 -13.13
C THR B 245 -14.11 16.81 -14.51
N ILE B 246 -15.11 15.94 -14.55
CA ILE B 246 -15.81 15.62 -15.78
C ILE B 246 -17.29 15.56 -15.48
N GLU B 247 -18.12 15.87 -16.47
CA GLU B 247 -19.58 15.86 -16.31
C GLU B 247 -20.11 14.43 -16.35
N THR B 248 -19.56 13.62 -17.24
CA THR B 248 -19.95 12.22 -17.37
C THR B 248 -18.69 11.39 -17.56
N MET B 249 -18.86 10.06 -17.61
CA MET B 249 -17.72 9.17 -17.75
C MET B 249 -17.17 9.16 -19.16
N GLN B 250 -17.87 9.80 -20.09
CA GLN B 250 -17.45 9.86 -21.48
C GLN B 250 -16.18 10.67 -21.62
N GLU B 251 -15.98 11.59 -20.70
CA GLU B 251 -14.81 12.45 -20.73
C GLU B 251 -13.55 11.81 -20.16
N LEU B 252 -13.70 10.83 -19.27
CA LEU B 252 -12.55 10.19 -18.62
C LEU B 252 -11.33 9.91 -19.52
N GLU B 253 -11.58 9.17 -20.60
CA GLU B 253 -10.53 8.80 -21.55
C GLU B 253 -9.67 10.00 -21.92
N SER B 254 -10.32 11.11 -22.23
CA SER B 254 -9.64 12.34 -22.62
C SER B 254 -8.74 12.93 -21.54
N VAL B 255 -9.18 12.83 -20.29
CA VAL B 255 -8.40 13.35 -19.19
C VAL B 255 -7.18 12.48 -18.98
N MET B 256 -7.33 11.18 -19.25
CA MET B 256 -6.20 10.26 -19.10
C MET B 256 -5.12 10.68 -20.08
N GLU B 257 -5.52 10.88 -21.33
CA GLU B 257 -4.58 11.28 -22.36
C GLU B 257 -3.88 12.56 -21.95
N HIS B 258 -4.64 13.56 -21.52
CA HIS B 258 -4.02 14.80 -21.10
C HIS B 258 -2.91 14.53 -20.10
N ILE B 259 -3.22 13.70 -19.10
CA ILE B 259 -2.27 13.34 -18.05
C ILE B 259 -1.03 12.65 -18.61
N GLU B 260 -1.22 11.70 -19.52
CA GLU B 260 -0.10 10.98 -20.09
C GLU B 260 0.93 11.91 -20.71
N LYS B 261 0.69 13.22 -20.63
CA LYS B 261 1.59 14.24 -21.17
C LYS B 261 2.44 14.84 -20.05
MG MG C . 18.91 -6.82 3.16
MG MG D . -20.79 7.40 -4.23
O1 VSO E . -20.05 3.08 -3.00
S2 VSO E . -20.37 4.33 -2.36
C3 VSO E . -21.73 3.95 -1.36
C4 VSO E . -22.33 4.89 -0.62
O8 VSO E . -20.88 5.32 -3.25
O9 VSO E . -19.33 4.80 -1.46
#